data_8I43
#
_entry.id   8I43
#
loop_
_entity.id
_entity.type
_entity.pdbx_description
1 polymer RNA-C-3GC-uucg
2 non-polymer 1-cyclopropyl-N-[3-(dimethylamino)propyl]-7-(4-ethylpiperazin-1-yl)-6-fluoranyl-4-oxidanylidene-quinoline-3-carboxamide
#
_entity_poly.entity_id   1
_entity_poly.type   'polyribonucleotide'
_entity_poly.pdbx_seq_one_letter_code
;GGACGCUUUCGAGCCGUCC
;
_entity_poly.pdbx_strand_id   A
#
loop_
_chem_comp.id
_chem_comp.type
_chem_comp.name
_chem_comp.formula
53D non-polymer 1-cyclopropyl-N-[3-(dimethylamino)propyl]-7-(4-ethylpiperazin-1-yl)-6-fluoranyl-4-oxidanylidene-quinoline-3-carboxamide 'C24 H34 F N5 O2'
A RNA linking ADENOSINE-5'-MONOPHOSPHATE 'C10 H14 N5 O7 P'
C RNA linking CYTIDINE-5'-MONOPHOSPHATE 'C9 H14 N3 O8 P'
G RNA linking GUANOSINE-5'-MONOPHOSPHATE 'C10 H14 N5 O8 P'
U RNA linking URIDINE-5'-MONOPHOSPHATE 'C9 H13 N2 O9 P'
#
# COMPACT_ATOMS: atom_id res chain seq x y z
C5 53D B . 2.39 -0.27 -0.86
C2 53D B . 0.10 1.30 -0.50
C7 53D B . -1.05 2.04 -0.28
N14 53D B . -2.30 3.99 0.18
C13 53D B . -1.77 -0.73 -2.06
C8 53D B . -0.98 3.36 -0.06
C4 53D B . 2.59 1.16 -0.69
C3 53D B . 1.35 1.94 -0.49
C21 53D B . -4.91 6.92 0.57
C20 53D B . -4.18 5.83 1.33
C18 53D B . -4.78 4.12 -0.29
N17 53D B . -4.82 4.44 1.17
C16 53D B . -3.91 3.42 1.81
C19 53D B . -3.54 3.26 -0.41
C15 53D B . -2.52 3.97 1.67
C12 53D B . -1.40 -2.06 -1.69
C28 53D B . 3.66 -8.07 -1.06
C29 53D B . 4.94 -8.05 1.07
N27 53D B . 4.03 -7.26 0.17
C26 53D B . 4.63 -5.91 -0.18
C25 53D B . 3.69 -4.74 0.15
C24 53D B . 4.39 -3.41 -0.22
O22 53D B . 4.14 -1.33 -2.04
N23 53D B . 3.54 -2.24 -0.07
C11 53D B . -1.13 -0.93 -0.77
C22 53D B . 3.45 -1.30 -1.02
O4 53D B . 3.68 1.73 -0.68
F9 53D B . 0.27 5.37 0.19
C6 53D B . 1.12 -0.73 -0.87
N1 53D B . 0.02 -0.05 -0.73
C10 53D B . 1.42 3.31 -0.26
C9 53D B . 0.26 4.01 -0.04
H7 53D B . -2.02 1.56 -0.28
H132 53D B . -1.14 -0.21 -2.67
H131 53D B . -2.66 -0.30 -2.45
H211 53D B . -6.02 6.77 0.67
H213 53D B . -4.62 6.89 -0.50
H212 53D B . -4.65 7.92 1.00
H202 53D B . -4.11 6.09 2.40
H201 53D B . -3.16 5.69 0.87
H181 53D B . -5.69 3.56 -0.58
H182 53D B . -4.65 5.06 -0.88
H161 53D B . -4.09 3.18 2.86
H162 53D B . -3.98 2.47 1.23
H192 53D B . -3.82 2.42 0.28
H191 53D B . -3.41 2.84 -1.42
H152 53D B . -2.45 5.00 2.08
H151 53D B . -1.80 3.29 2.14
H121 53D B . -2.33 -2.54 -1.58
H122 53D B . -0.82 -2.89 -2.17
H282 53D B . 4.48 -8.00 -1.80
H281 53D B . 2.72 -7.66 -1.50
H283 53D B . 3.51 -9.13 -0.77
H291 53D B . 5.99 -7.98 0.70
H293 53D B . 4.88 -7.65 2.10
H292 53D B . 4.63 -9.12 1.07
H261 53D B . 4.83 -5.91 -1.27
H262 53D B . 5.58 -5.79 0.41
H252 53D B . 3.44 -4.74 1.23
H251 53D B . 2.74 -4.83 -0.44
H242 53D B . 4.67 -3.47 -1.30
H241 53D B . 5.28 -3.30 0.43
H23 53D B . 2.97 -2.15 0.76
H11 53D B . -1.44 -0.74 0.19
H6 53D B . 0.82 -1.76 -0.99
H10 53D B . 2.40 3.82 -0.25
H17 53D B . -5.78 4.43 1.58
H27 53D B . 3.14 -7.06 0.68
H14 53D B . -2.27 4.97 -0.16
C5 53D B . 2.40 -0.19 -0.78
C2 53D B . 0.07 1.32 -0.41
C7 53D B . -1.09 2.03 -0.17
N14 53D B . -2.42 3.90 0.32
C13 53D B . -1.74 -0.71 -2.02
C8 53D B . -1.07 3.33 0.08
C4 53D B . 2.57 1.24 -0.59
C3 53D B . 1.31 1.98 -0.37
C21 53D B . -5.27 6.76 0.72
C20 53D B . -4.38 5.75 1.43
C18 53D B . -4.93 3.94 -0.06
N17 53D B . -4.92 4.31 1.39
C16 53D B . -3.96 3.35 2.05
C19 53D B . -3.66 3.13 -0.24
C15 53D B . -2.58 3.90 1.82
C12 53D B . -1.34 -2.05 -1.67
C28 53D B . 2.94 -7.51 -1.08
C29 53D B . 3.71 -7.36 1.27
N27 53D B . 4.10 -7.19 -0.17
C26 53D B . 4.69 -5.81 -0.43
C25 53D B . 3.77 -4.68 0.02
C24 53D B . 4.44 -3.33 -0.27
O22 53D B . 4.22 -1.16 -1.98
N23 53D B . 3.57 -2.17 -0.06
C11 53D B . -1.10 -0.93 -0.73
C22 53D B . 3.49 -1.19 -0.97
O4 53D B . 3.64 1.84 -0.55
F9 53D B . 0.13 5.38 0.37
C6 53D B . 1.14 -0.67 -0.81
N1 53D B . 0.03 -0.03 -0.66
C10 53D B . 1.33 3.36 -0.11
C9 53D B . 0.15 4.02 0.11
H7 53D B . -2.05 1.54 -0.18
H132 53D B . -1.13 -0.15 -2.61
H131 53D B . -2.65 -0.28 -2.39
H211 53D B . -6.34 6.53 0.94
H213 53D B . -5.11 6.68 -0.39
H212 53D B . -5.02 7.79 1.06
H202 53D B . -4.24 6.06 2.49
H201 53D B . -3.42 5.66 0.87
H181 53D B . -5.82 3.32 -0.30
H182 53D B . -4.88 4.86 -0.68
H161 53D B . -4.07 3.16 3.11
H162 53D B . -4.04 2.37 1.54
H192 53D B . -3.89 2.27 0.42
H191 53D B . -3.55 2.74 -1.27
H152 53D B . -2.47 4.93 2.22
H151 53D B . -1.83 3.22 2.26
H121 53D B . -2.28 -2.53 -1.57
H122 53D B . -0.76 -2.84 -2.18
H282 53D B . 2.00 -7.11 -0.62
H281 53D B . 2.86 -8.60 -1.22
H283 53D B . 3.10 -7.02 -2.07
H291 53D B . 3.76 -8.43 1.55
H293 53D B . 4.40 -6.77 1.92
H292 53D B . 2.66 -7.00 1.42
H261 53D B . 4.85 -5.72 -1.52
H262 53D B . 5.66 -5.75 0.13
H252 53D B . 3.56 -4.77 1.12
H251 53D B . 2.79 -4.74 -0.53
H242 53D B . 4.74 -3.33 -1.34
H241 53D B . 5.32 -3.21 0.40
H23 53D B . 2.97 -2.14 0.74
H11 53D B . -1.41 -0.76 0.24
H6 53D B . 0.86 -1.71 -0.96
H10 53D B . 2.31 3.89 -0.08
H17 53D B . -5.88 4.27 1.83
H27 53D B . 4.86 -7.88 -0.40
H14 53D B . -2.43 4.88 -0.03
C5 53D B . 2.57 0.24 -1.13
C2 53D B . 0.20 1.69 -0.69
C7 53D B . -0.98 2.35 -0.43
N14 53D B . -2.36 4.17 0.13
C13 53D B . -1.59 -0.37 -2.30
C8 53D B . -0.99 3.66 -0.15
C4 53D B . 2.69 1.67 -0.91
C3 53D B . 1.41 2.38 -0.66
C21 53D B . -5.27 6.94 0.61
C20 53D B . -4.35 5.95 1.30
C18 53D B . -4.87 4.15 -0.23
N17 53D B . -4.86 4.49 1.24
C16 53D B . -3.86 3.55 1.86
C19 53D B . -3.58 3.38 -0.44
C15 53D B . -2.49 4.12 1.62
C12 53D B . -1.15 -1.70 -1.99
C28 53D B . 3.86 -7.00 0.47
C29 53D B . 5.62 -7.76 -1.09
N27 53D B . 4.53 -6.75 -0.86
C26 53D B . 5.05 -5.34 -1.02
C25 53D B . 4.06 -4.25 -0.55
C24 53D B . 4.68 -2.86 -0.77
O22 53D B . 4.43 -0.60 -2.33
N23 53D B . 3.77 -1.76 -0.50
C11 53D B . -0.92 -0.60 -1.03
C22 53D B . 3.67 -0.71 -1.36
O4 53D B . 3.74 2.30 -0.88
F9 53D B . 0.14 5.72 0.17
C6 53D B . 1.32 -0.28 -1.14
N1 53D B . 0.19 0.34 -0.96
C10 53D B . 1.40 3.75 -0.37
C9 53D B . 0.20 4.38 -0.13
H7 53D B . -1.94 1.84 -0.42
H132 53D B . -1.01 0.22 -2.89
H131 53D B . -2.51 0.04 -2.64
H211 53D B . -6.33 6.70 0.85
H213 53D B . -5.11 6.89 -0.49
H212 53D B . -5.05 7.98 0.98
H202 53D B . -4.19 6.24 2.37
H201 53D B . -3.39 5.89 0.74
H181 53D B . -5.75 3.51 -0.46
H182 53D B . -4.86 5.08 -0.83
H161 53D B . -3.95 3.33 2.92
H162 53D B . -3.93 2.57 1.33
H192 53D B . -3.78 2.50 0.21
H191 53D B . -3.48 3.02 -1.47
H152 53D B . -2.41 5.16 2.05
H151 53D B . -1.72 3.45 2.04
H121 53D B . -2.07 -2.22 -1.88
H122 53D B . -0.55 -2.48 -2.51
H282 53D B . 3.36 -6.06 0.82
H281 53D B . 4.63 -7.29 1.22
H283 53D B . 3.11 -7.81 0.37
H291 53D B . 6.15 -7.96 -0.13
H293 53D B . 5.18 -8.71 -1.48
H292 53D B . 6.34 -7.36 -1.84
H261 53D B . 5.24 -5.18 -2.11
H262 53D B . 6.00 -5.24 -0.44
H252 53D B . 3.83 -4.40 0.53
H251 53D B . 3.11 -4.33 -1.14
H242 53D B . 4.99 -2.80 -1.84
H241 53D B . 5.56 -2.76 -0.09
H23 53D B . 3.16 -1.79 0.29
H11 53D B . -1.21 -0.45 -0.05
H6 53D B . 1.06 -1.31 -1.31
H10 53D B . 2.35 4.31 -0.36
H17 53D B . -5.80 4.42 1.68
H27 53D B . 3.79 -6.88 -1.60
H14 53D B . -2.40 5.17 -0.20
C5 53D B . 2.39 -0.29 -0.91
C2 53D B . 0.08 1.23 -0.53
C7 53D B . -1.08 1.95 -0.29
N14 53D B . -2.40 3.84 0.20
C13 53D B . -1.76 -0.79 -2.11
C8 53D B . -1.05 3.26 -0.04
C4 53D B . 2.57 1.13 -0.72
C3 53D B . 1.31 1.89 -0.50
C21 53D B . -5.23 6.71 0.59
C20 53D B . -4.35 5.71 1.31
C18 53D B . -4.91 3.89 -0.17
N17 53D B . -4.89 4.27 1.28
C16 53D B . -3.92 3.30 1.94
C19 53D B . -3.65 3.07 -0.35
C15 53D B . -2.54 3.84 1.70
C12 53D B . -1.37 -2.12 -1.76
C28 53D B . 2.88 -7.61 -1.16
C29 53D B . 3.67 -7.46 1.18
N27 53D B . 4.05 -7.30 -0.27
C26 53D B . 4.65 -5.93 -0.53
C25 53D B . 3.73 -4.78 -0.08
C24 53D B . 4.42 -3.43 -0.39
O22 53D B . 4.20 -1.28 -2.11
N23 53D B . 3.55 -2.27 -0.19
C11 53D B . -1.11 -1.01 -0.83
C22 53D B . 3.47 -1.30 -1.09
O4 53D B . 3.65 1.73 -0.70
F9 53D B . 0.16 5.30 0.23
C6 53D B . 1.13 -0.77 -0.92
N1 53D B . 0.02 -0.11 -0.77
C10 53D B . 1.35 3.28 -0.25
C9 53D B . 0.17 3.94 -0.03
H7 53D B . -2.05 1.47 -0.28
H132 53D B . -1.15 -0.25 -2.71
H131 53D B . -2.66 -0.37 -2.48
H211 53D B . -4.97 7.75 0.93
H213 53D B . -6.30 6.50 0.83
H212 53D B . -5.06 6.63 -0.50
H202 53D B . -4.18 6.02 2.36
H201 53D B . -3.38 5.61 0.75
H181 53D B . -5.81 3.27 -0.40
H182 53D B . -4.86 4.80 -0.80
H161 53D B . -4.03 3.13 3.01
H162 53D B . -4.03 2.32 1.44
H192 53D B . -3.88 2.22 0.32
H191 53D B . -3.54 2.67 -1.38
H152 53D B . -2.43 4.88 2.09
H151 53D B . -1.79 3.16 2.14
H121 53D B . -2.30 -2.61 -1.65
H122 53D B . -0.79 -2.93 -2.26
H282 53D B . 2.79 -8.71 -1.30
H281 53D B . 3.04 -7.13 -2.16
H283 53D B . 1.95 -7.21 -0.70
H291 53D B . 4.37 -6.87 1.82
H293 53D B . 2.63 -7.08 1.33
H292 53D B . 3.73 -8.53 1.48
H261 53D B . 4.81 -5.85 -1.63
H262 53D B . 5.62 -5.87 0.02
H252 53D B . 3.53 -4.87 1.01
H251 53D B . 2.76 -4.84 -0.63
H242 53D B . 4.71 -3.45 -1.46
H241 53D B . 5.30 -3.33 0.28
H23 53D B . 2.96 -2.24 0.63
H11 53D B . -1.42 -0.83 0.14
H6 53D B . 0.84 -1.80 -1.07
H10 53D B . 2.32 3.80 -0.24
H17 53D B . -5.84 4.24 1.72
H27 53D B . 4.80 -8.00 -0.49
H14 53D B . -2.39 4.82 -0.15
C5 53D B . 2.45 -0.21 -0.77
C2 53D B . 0.12 1.30 -0.40
C7 53D B . -1.05 2.00 -0.16
N14 53D B . -2.38 3.88 0.33
C13 53D B . -1.71 -0.72 -2.00
C8 53D B . -1.02 3.31 0.10
C4 53D B . 2.61 1.21 -0.58
C3 53D B . 1.34 1.97 -0.36
C21 53D B . -5.24 6.74 0.73
C20 53D B . -4.34 5.74 1.45
C18 53D B . -4.90 3.92 -0.05
N17 53D B . -4.88 4.30 1.42
C16 53D B . -3.92 3.33 2.08
C19 53D B . -3.62 3.11 -0.23
C15 53D B . -2.53 3.88 1.84
C12 53D B . -1.31 -2.07 -1.65
C28 53D B . 3.52 -7.38 1.18
C29 53D B . 5.20 -8.29 -0.39
N27 53D B . 4.15 -7.22 -0.18
C26 53D B . 4.73 -5.84 -0.42
C25 53D B . 3.80 -4.70 0.04
C24 53D B . 4.48 -3.35 -0.26
O22 53D B . 4.26 -1.18 -1.96
N23 53D B . 3.61 -2.20 -0.06
C11 53D B . -1.06 -0.95 -0.71
C22 53D B . 3.53 -1.21 -0.97
O4 53D B . 3.68 1.82 -0.55
F9 53D B . 0.16 5.36 0.38
C6 53D B . 1.18 -0.69 -0.79
N1 53D B . 0.06 -0.04 -0.64
C10 53D B . 1.37 3.35 -0.10
C9 53D B . 0.19 4.01 0.13
H7 53D B . -2.02 1.52 -0.16
H132 53D B . -1.09 -0.17 -2.58
H131 53D B . -2.61 -0.31 -2.36
H211 53D B . -4.98 7.77 1.07
H213 53D B . -6.30 6.52 0.96
H212 53D B . -5.06 6.65 -0.37
H202 53D B . -4.18 6.05 2.50
H201 53D B . -3.37 5.63 0.89
H181 53D B . -5.78 3.29 -0.27
H182 53D B . -4.84 4.84 -0.67
H161 53D B . -4.02 3.16 3.13
H162 53D B . -3.99 2.35 1.56
H192 53D B . -3.85 2.25 0.44
H191 53D B . -3.51 2.71 -1.25
H152 53D B . -2.43 4.91 2.24
H151 53D B . -1.78 3.20 2.28
H121 53D B . -2.24 -2.56 -1.54
H122 53D B . -0.72 -2.87 -2.15
H282 53D B . 3.06 -6.41 1.49
H281 53D B . 4.29 -7.68 1.92
H283 53D B . 2.73 -8.16 1.14
H291 53D B . 5.75 -8.47 0.57
H293 53D B . 4.70 -9.23 -0.72
H292 53D B . 5.92 -7.96 -1.17
H261 53D B . 4.90 -5.74 -1.52
H262 53D B . 5.69 -5.77 0.14
H252 53D B . 3.59 -4.79 1.13
H251 53D B . 2.83 -4.76 -0.52
H242 53D B . 4.78 -3.35 -1.33
H241 53D B . 5.36 -3.24 0.41
H23 53D B . 3.01 -2.16 0.75
H11 53D B . -1.36 -0.79 0.26
H6 53D B . 0.90 -1.73 -0.94
H10 53D B . 2.35 3.88 -0.08
H17 53D B . -5.84 4.25 1.85
H27 53D B . 3.40 -7.35 -0.88
H14 53D B . -2.38 4.86 -0.01
C5 53D B . 2.35 -0.23 -0.90
C2 53D B . 0.02 1.29 -0.53
C7 53D B . -1.14 2.01 -0.29
N14 53D B . -2.46 3.90 0.18
C13 53D B . -1.82 -0.75 -2.10
C8 53D B . -1.11 3.32 -0.06
C4 53D B . 2.52 1.19 -0.71
C3 53D B . 1.25 1.95 -0.51
C21 53D B . -5.29 6.77 0.55
C20 53D B . -4.40 5.78 1.28
C18 53D B . -4.97 3.94 -0.19
N17 53D B . -4.95 4.34 1.26
C16 53D B . -3.98 3.39 1.93
C19 53D B . -3.70 3.13 -0.37
C15 53D B . -2.60 3.92 1.68
C12 53D B . -1.43 -2.09 -1.73
C28 53D B . 3.36 -7.40 1.10
C29 53D B . 5.04 -8.33 -0.45
N27 53D B . 4.00 -7.26 -0.25
C26 53D B . 4.60 -5.87 -0.50
C25 53D B . 3.67 -4.73 -0.07
C24 53D B . 4.35 -3.38 -0.36
O22 53D B . 4.15 -1.22 -2.07
N23 53D B . 3.49 -2.23 -0.16
C11 53D B . -1.17 -0.95 -0.81
C22 53D B . 3.42 -1.24 -1.07
O4 53D B . 3.59 1.79 -0.70
F9 53D B . 0.10 5.37 0.20
C6 53D B . 1.08 -0.72 -0.90
N1 53D B . -0.03 -0.05 -0.75
C10 53D B . 1.30 3.33 -0.27
C9 53D B . 0.11 4.01 -0.04
H7 53D B . -2.11 1.53 -0.28
H132 53D B . -1.20 -0.20 -2.69
H131 53D B . -2.72 -0.33 -2.46
H211 53D B . -5.04 7.81 0.88
H213 53D B . -6.36 6.56 0.78
H212 53D B . -5.12 6.68 -0.54
H202 53D B . -4.23 6.10 2.33
H201 53D B . -3.43 5.66 0.72
H181 53D B . -5.87 3.32 -0.41
H182 53D B . -4.92 4.85 -0.83
H161 53D B . -4.09 3.21 2.99
H162 53D B . -4.08 2.39 1.43
H192 53D B . -3.93 2.27 0.32
H191 53D B . -3.60 2.72 -1.39
H152 53D B . -2.49 4.96 2.07
H151 53D B . -1.85 3.24 2.12
H121 53D B . -2.36 -2.56 -1.62
H122 53D B . -0.84 -2.89 -2.23
H282 53D B . 2.56 -8.18 1.06
H281 53D B . 2.91 -6.42 1.40
H283 53D B . 4.13 -7.70 1.85
H291 53D B . 5.58 -8.51 0.50
H293 53D B . 4.54 -9.27 -0.78
H292 53D B . 5.77 -8.00 -1.24
H261 53D B . 4.76 -5.79 -1.60
H262 53D B . 5.55 -5.80 0.06
H252 53D B . 3.46 -4.82 1.03
H251 53D B . 2.71 -4.79 -0.62
H242 53D B . 4.66 -3.39 -1.43
H241 53D B . 5.24 -3.28 0.31
H23 53D B . 2.88 -2.19 0.64
H11 53D B . -1.47 -0.78 0.16
H6 53D B . 0.79 -1.74 -1.04
H10 53D B . 2.27 3.86 -0.26
H17 53D B . -5.90 4.31 1.71
H27 53D B . 3.25 -7.38 -0.96
H14 53D B . -2.46 4.87 -0.18
C5 53D B . 2.44 -0.15 -0.83
C2 53D B . 0.10 1.34 -0.45
C7 53D B . -1.06 2.04 -0.22
N14 53D B . -2.41 3.91 0.27
C13 53D B . -1.70 -0.67 -2.10
C8 53D B . -1.05 3.35 0.04
C4 53D B . 2.60 1.26 -0.62
C3 53D B . 1.33 2.01 -0.41
C21 53D B . -5.27 6.76 0.67
C20 53D B . -4.38 5.75 1.39
C18 53D B . -4.91 3.95 -0.13
N17 53D B . -4.92 4.30 1.34
C16 53D B . -3.95 3.34 1.99
C19 53D B . -3.64 3.14 -0.31
C15 53D B . -2.57 3.90 1.76
C12 53D B . -1.31 -2.01 -1.77
C28 53D B . 3.53 -5.58 4.08
C29 53D B . 3.87 -6.94 2.04
N27 53D B . 3.32 -5.65 2.59
C26 53D B . 3.91 -4.45 1.85
C25 53D B . 3.84 -4.57 0.33
C24 53D B . 4.46 -3.30 -0.31
O22 53D B . 4.26 -1.12 -2.01
N23 53D B . 3.60 -2.15 -0.12
C11 53D B . -1.07 -0.90 -0.82
C22 53D B . 3.52 -1.16 -1.01
O4 53D B . 3.67 1.87 -0.57
F9 53D B . 0.14 5.39 0.37
C6 53D B . 1.18 -0.65 -0.87
N1 53D B . 0.06 0.01 -0.72
C10 53D B . 1.35 3.38 -0.13
C9 53D B . 0.16 4.04 0.09
H7 53D B . -2.03 1.56 -0.25
H132 53D B . -1.08 -0.11 -2.68
H131 53D B . -2.60 -0.25 -2.48
H211 53D B . -6.34 6.53 0.88
H213 53D B . -5.08 6.69 -0.42
H212 53D B . -5.02 7.79 1.02
H202 53D B . -4.24 6.04 2.45
H201 53D B . -3.41 5.66 0.84
H181 53D B . -5.80 3.32 -0.37
H182 53D B . -4.86 4.88 -0.75
H161 53D B . -4.07 3.15 3.04
H162 53D B . -4.03 2.37 1.46
H192 53D B . -3.87 2.27 0.35
H191 53D B . -3.52 2.77 -1.34
H152 53D B . -2.47 4.93 2.18
H151 53D B . -1.82 3.21 2.20
H121 53D B . -2.23 -2.50 -1.69
H122 53D B . -0.70 -2.80 -2.28
H282 53D B . 4.52 -6.02 4.34
H281 53D B . 2.73 -6.15 4.59
H283 53D B . 3.50 -4.51 4.40
H291 53D B . 4.81 -7.20 2.58
H293 53D B . 3.13 -7.76 2.19
H292 53D B . 4.08 -6.84 0.96
H261 53D B . 4.98 -4.38 2.15
H262 53D B . 3.35 -3.54 2.17
H252 53D B . 2.78 -4.67 0.01
H251 53D B . 4.41 -5.48 0.00
H242 53D B . 4.58 -3.44 -1.40
H241 53D B . 5.43 -3.10 0.19
H23 53D B . 2.99 -2.12 0.69
H11 53D B . -1.39 -0.75 0.15
H6 53D B . 0.90 -1.68 -1.04
H10 53D B . 2.33 3.91 -0.09
H17 53D B . -5.88 4.26 1.75
H27 53D B . 2.29 -5.61 2.42
H14 53D B . -2.41 4.90 -0.06
C5 53D B . 2.37 -0.33 -0.93
C2 53D B . 0.06 1.21 -0.57
C7 53D B . -1.09 1.92 -0.33
N14 53D B . -2.40 3.82 0.15
C13 53D B . -1.79 -0.81 -2.14
C8 53D B . -1.06 3.24 -0.09
C4 53D B . 2.55 1.09 -0.76
C3 53D B . 1.30 1.86 -0.54
C21 53D B . -5.22 6.71 0.53
C20 53D B . -4.34 5.70 1.25
C18 53D B . -4.92 3.88 -0.22
N17 53D B . -4.90 4.27 1.23
C16 53D B . -3.94 3.29 1.89
C19 53D B . -3.66 3.06 -0.40
C15 53D B . -2.56 3.83 1.65
C12 53D B . -1.40 -2.16 -1.78
C28 53D B . 4.84 -8.48 -0.84
C29 53D B . 2.59 -7.46 -0.79
N27 53D B . 4.00 -7.36 -0.27
C26 53D B . 4.60 -5.98 -0.53
C25 53D B . 3.68 -4.83 -0.09
C24 53D B . 4.37 -3.49 -0.40
O22 53D B . 4.16 -1.34 -2.13
N23 53D B . 3.52 -2.32 -0.21
C11 53D B . -1.14 -1.03 -0.86
C22 53D B . 3.44 -1.35 -1.12
O4 53D B . 3.63 1.68 -0.74
F9 53D B . 0.16 5.27 0.19
C6 53D B . 1.10 -0.81 -0.95
N1 53D B . -0.01 -0.14 -0.80
C10 53D B . 1.34 3.24 -0.29
C9 53D B . 0.17 3.91 -0.07
H7 53D B . -2.07 1.45 -0.33
H132 53D B . -1.17 -0.27 -2.75
H131 53D B . -2.69 -0.39 -2.51
H211 53D B . -6.29 6.51 0.76
H213 53D B . -5.06 6.62 -0.57
H212 53D B . -4.96 7.74 0.86
H202 53D B . -4.18 6.02 2.30
H201 53D B . -3.38 5.59 0.70
H181 53D B . -5.82 3.27 -0.45
H182 53D B . -4.86 4.80 -0.86
H161 53D B . -4.05 3.13 2.95
H162 53D B . -4.04 2.32 1.39
H192 53D B . -3.89 2.20 0.28
H191 53D B . -3.55 2.66 -1.42
H152 53D B . -2.44 4.87 2.05
H151 53D B . -1.81 3.14 2.09
H121 53D B . -2.34 -2.63 -1.68
H122 53D B . -0.83 -2.96 -2.29
H282 53D B . 4.56 -8.65 -1.91
H281 53D B . 4.68 -9.40 -0.25
H283 53D B . 5.92 -8.20 -0.79
H291 53D B . 2.59 -7.77 -1.85
H293 53D B . 2.02 -8.20 -0.18
H292 53D B . 2.09 -6.46 -0.70
H261 53D B . 4.76 -5.90 -1.63
H262 53D B . 5.57 -5.91 0.02
H252 53D B . 3.48 -4.90 1.01
H251 53D B . 2.72 -4.88 -0.63
H242 53D B . 4.67 -3.51 -1.47
H241 53D B . 5.26 -3.38 0.28
H23 53D B . 2.92 -2.28 0.61
H11 53D B . -1.45 -0.86 0.11
H6 53D B . 0.81 -1.83 -1.08
H10 53D B . 2.31 3.76 -0.28
H17 53D B . -5.86 4.24 1.66
H27 53D B . 4.00 -7.48 0.77
H14 53D B . -2.39 4.80 -0.21
C5 53D B . 2.44 -0.23 -0.78
C2 53D B . 0.11 1.28 -0.41
C7 53D B . -1.05 1.98 -0.18
N14 53D B . -2.38 3.86 0.31
C13 53D B . -1.71 -0.76 -2.01
C8 53D B . -1.02 3.29 0.07
C4 53D B . 2.60 1.18 -0.58
C3 53D B . 1.34 1.95 -0.37
C21 53D B . -5.23 6.73 0.69
C20 53D B . -4.34 5.72 1.41
C18 53D B . -4.89 3.90 -0.09
N17 53D B . -4.88 4.28 1.38
C16 53D B . -3.92 3.32 2.04
C19 53D B . -3.62 3.09 -0.26
C15 53D B . -2.54 3.86 1.81
C12 53D B . -1.31 -2.09 -1.66
C28 53D B . 6.84 -7.17 0.11
C29 53D B . 5.59 -6.07 1.94
N27 53D B . 5.97 -5.98 0.49
C26 53D B . 4.75 -5.85 -0.41
C25 53D B . 3.80 -4.72 0.04
C24 53D B . 4.48 -3.37 -0.25
O22 53D B . 4.25 -1.21 -1.97
N23 53D B . 3.62 -2.22 -0.05
C11 53D B . -1.08 -0.97 -0.73
C22 53D B . 3.52 -1.24 -0.96
O4 53D B . 3.68 1.79 -0.55
F9 53D B . 0.16 5.34 0.37
C6 53D B . 1.17 -0.72 -0.80
N1 53D B . 0.06 -0.06 -0.66
C10 53D B . 1.38 3.32 -0.12
C9 53D B . 0.19 3.98 0.10
H7 53D B . -2.02 1.50 -0.18
H132 53D B . -1.10 -0.20 -2.61
H131 53D B . -2.62 -0.33 -2.38
H211 53D B . -6.29 6.51 0.91
H213 53D B . -5.06 6.65 -0.41
H212 53D B . -4.98 7.76 1.03
H202 53D B . -4.18 6.03 2.47
H201 53D B . -3.37 5.62 0.86
H181 53D B . -5.79 3.28 -0.32
H182 53D B . -4.84 4.83 -0.71
H161 53D B . -4.03 3.14 3.10
H162 53D B . -4.01 2.34 1.52
H192 53D B . -3.85 2.24 0.41
H191 53D B . -3.50 2.70 -1.28
H152 53D B . -2.43 4.90 2.21
H151 53D B . -1.79 3.18 2.25
H121 53D B . -2.25 -2.58 -1.57
H122 53D B . -0.72 -2.88 -2.17
H282 53D B . 7.89 -6.97 0.42
H281 53D B . 6.79 -7.32 -0.99
H283 53D B . 6.47 -8.08 0.63
H291 53D B . 6.41 -5.67 2.57
H293 53D B . 4.66 -5.47 2.11
H292 53D B . 5.38 -7.14 2.21
H261 53D B . 4.22 -6.84 -0.38
H262 53D B . 5.12 -5.63 -1.45
H252 53D B . 3.62 -4.81 1.14
H251 53D B . 2.82 -4.76 -0.50
H242 53D B . 4.79 -3.37 -1.32
H241 53D B . 5.35 -3.27 0.44
H23 53D B . 3.00 -2.18 0.77
H11 53D B . -1.37 -0.81 0.24
H6 53D B . 0.89 -1.76 -0.95
H10 53D B . 2.34 3.85 -0.09
H17 53D B . -5.84 4.24 1.81
H27 53D B . 6.55 -5.13 0.34
H14 53D B . -2.38 4.85 -0.04
C5 53D B . 2.55 -0.13 -0.86
C2 53D B . 0.21 1.34 -0.43
C7 53D B . -0.96 2.03 -0.18
N14 53D B . -2.30 3.87 0.36
C13 53D B . -1.60 -0.69 -2.06
C8 53D B . -0.94 3.34 0.10
C4 53D B . 2.70 1.29 -0.64
C3 53D B . 1.43 2.02 -0.40
C21 53D B . -5.19 6.68 0.83
C20 53D B . -4.28 5.69 1.53
C18 53D B . -4.82 3.89 0.01
N17 53D B . -4.80 4.23 1.47
C16 53D B . -3.81 3.28 2.11
C19 53D B . -3.54 3.10 -0.19
C15 53D B . -2.44 3.85 1.86
C12 53D B . -1.18 -2.03 -1.73
C28 53D B . 4.56 -6.87 2.31
C29 53D B . 2.24 -6.03 2.03
N27 53D B . 3.65 -5.68 2.47
C26 53D B . 4.16 -4.45 1.76
C25 53D B . 4.05 -4.55 0.23
C24 53D B . 4.63 -3.25 -0.40
O22 53D B . 4.36 -1.06 -2.08
N23 53D B . 3.75 -2.12 -0.18
C11 53D B . -0.94 -0.92 -0.77
C22 53D B . 3.65 -1.12 -1.08
O4 53D B . 3.77 1.90 -0.62
F9 53D B . 0.22 5.38 0.41
C6 53D B . 1.30 -0.64 -0.87
N1 53D B . 0.18 0.00 -0.70
C10 53D B . 1.45 3.39 -0.12
C9 53D B . 0.26 4.04 0.13
H7 53D B . -1.92 1.53 -0.17
H132 53D B . -1.00 -0.11 -2.64
H131 53D B . -2.51 -0.27 -2.40
H211 53D B . -6.25 6.45 1.07
H213 53D B . -5.03 6.63 -0.26
H212 53D B . -4.95 7.72 1.18
H202 53D B . -4.11 5.98 2.58
H201 53D B . -3.31 5.62 0.95
H181 53D B . -5.70 3.25 -0.22
H182 53D B . -4.79 4.81 -0.60
H161 53D B . -3.90 3.08 3.16
H162 53D B . -3.89 2.31 1.58
H192 53D B . -3.75 2.22 0.46
H191 53D B . -3.43 2.72 -1.23
H152 53D B . -2.34 4.88 2.28
H151 53D B . -1.68 3.17 2.28
H121 53D B . -2.11 -2.52 -1.63
H122 53D B . -0.58 -2.80 -2.25
H282 53D B . 5.62 -6.52 2.25
H281 53D B . 4.30 -7.41 1.38
H283 53D B . 4.43 -7.55 3.19
H291 53D B . 2.29 -6.71 1.15
H293 53D B . 1.71 -6.54 2.86
H292 53D B . 1.70 -5.10 1.76
H261 53D B . 5.24 -4.34 2.02
H262 53D B . 3.57 -3.56 2.12
H252 53D B . 2.97 -4.64 -0.06
H251 53D B . 4.60 -5.44 -0.13
H242 53D B . 4.74 -3.39 -1.51
H241 53D B . 5.61 -3.04 0.09
H23 53D B . 3.16 -2.11 0.64
H11 53D B . -1.24 -0.78 0.20
H6 53D B . 1.03 -1.67 -1.03
H10 53D B . 2.42 3.93 -0.09
H17 53D B . -5.75 4.18 1.92
H27 53D B . 3.63 -5.44 3.49
H14 53D B . -2.33 4.87 0.03
C5 53D B . 2.31 -0.32 -0.88
C2 53D B . 0.02 1.24 -0.52
C7 53D B . -1.14 1.96 -0.28
N14 53D B . -2.43 3.87 0.19
C13 53D B . -1.85 -0.77 -2.11
C8 53D B . -1.09 3.27 -0.04
C4 53D B . 2.51 1.10 -0.69
C3 53D B . 1.25 1.88 -0.49
C21 53D B . -5.23 6.78 0.56
C20 53D B . -4.36 5.77 1.29
C18 53D B . -4.94 3.95 -0.20
N17 53D B . -4.93 4.34 1.26
C16 53D B . -3.98 3.36 1.93
C19 53D B . -3.69 3.11 -0.37
C15 53D B . -2.58 3.88 1.69
C12 53D B . -1.47 -2.11 -1.74
C28 53D B . 4.71 -8.48 -0.78
C29 53D B . 2.46 -7.44 -0.73
N27 53D B . 3.88 -7.36 -0.21
C26 53D B . 4.49 -5.99 -0.46
C25 53D B . 3.58 -4.82 -0.03
C24 53D B . 4.29 -3.49 -0.33
O22 53D B . 4.10 -1.34 -2.06
N23 53D B . 3.44 -2.32 -0.15
C11 53D B . -1.21 -1.00 -0.82
C22 53D B . 3.38 -1.34 -1.06
O4 53D B . 3.59 1.69 -0.67
F9 53D B . 0.14 5.30 0.23
C6 53D B . 1.05 -0.78 -0.90
N1 53D B . -0.06 -0.11 -0.75
C10 53D B . 1.31 3.25 -0.24
C9 53D B . 0.14 3.95 -0.02
H7 53D B . -2.11 1.50 -0.28
H132 53D B . -1.22 -0.23 -2.70
H131 53D B . -2.74 -0.34 -2.47
H211 53D B . -4.96 7.80 0.90
H213 53D B . -6.30 6.58 0.79
H212 53D B . -5.06 6.69 -0.54
H202 53D B . -4.20 6.08 2.34
H201 53D B . -3.39 5.65 0.74
H181 53D B . -5.85 3.34 -0.43
H182 53D B . -4.87 4.87 -0.82
H161 53D B . -4.10 3.19 2.99
H162 53D B . -4.08 2.38 1.42
H192 53D B . -3.94 2.26 0.31
H191 53D B . -3.58 2.71 -1.39
H152 53D B . -2.47 4.92 2.08
H151 53D B . -1.85 3.18 2.14
H121 53D B . -2.41 -2.58 -1.64
H122 53D B . -0.89 -2.93 -2.24
H282 53D B . 5.79 -8.21 -0.73
H281 53D B . 4.41 -8.65 -1.85
H283 53D B . 4.52 -9.41 -0.19
H291 53D B . 1.88 -8.19 -0.13
H293 53D B . 1.98 -6.44 -0.64
H292 53D B . 2.47 -7.75 -1.79
H261 53D B . 4.65 -5.90 -1.57
H262 53D B . 5.45 -5.93 0.09
H252 53D B . 3.38 -4.90 1.06
H251 53D B . 2.61 -4.87 -0.58
H242 53D B . 4.59 -3.51 -1.40
H241 53D B . 5.17 -3.40 0.34
H23 53D B . 2.85 -2.27 0.67
H11 53D B . -1.51 -0.82 0.15
H6 53D B . 0.74 -1.81 -1.03
H10 53D B . 2.30 3.77 -0.22
H17 53D B . -5.89 4.32 1.69
H27 53D B . 3.86 -7.49 0.82
H14 53D B . -2.42 4.85 -0.17
#